data_1CEN
#
_entry.id   1CEN
#
_cell.length_a   51.400
_cell.length_b   84.330
_cell.length_c   87.500
_cell.angle_alpha   90.00
_cell.angle_beta   90.00
_cell.angle_gamma   90.00
#
_symmetry.space_group_name_H-M   'P 21 21 21'
#
loop_
_entity.id
_entity.type
_entity.pdbx_description
1 polymer 'CELLULASE CELC'
2 branched beta-D-glucopyranose-(1-4)-beta-D-glucopyranose
3 water water
#
_entity_poly.entity_id   1
_entity_poly.type   'polypeptide(L)'
_entity_poly.pdbx_seq_one_letter_code
;MVSFKAGINLGGWISQYQVFSKEHFDTFITEKDIETIAEAGFDHVRLPFDYPIIESDDNVGEYKEDGLSYIDRCLEWCKK
YNLGLVLDMHHAPGYRFQDFKTSTLFEDPNQQKRFVDIWRFLAKRYINEREHIAFELLNQVVEPDSTRWNKLMLECIKAI
REIDSTMWLYIGGNNYNSPDELKNLADIDDDYIVYNFHFYNPFFFTHQKAHWSESAMAYNRTVKYPGQYEGIEEFVKNNP
KYSFMMELNNLKLNKELLRKDLKPAIEFREKKKCKLYCGEFGVIAIADLESRIKWHEDYISLLEEYDIGGAVWNYKKMDF
EIYNEDRKPVSQELVNILARRKT
;
_entity_poly.pdbx_strand_id   A
#
loop_
_chem_comp.id
_chem_comp.type
_chem_comp.name
_chem_comp.formula
BGC D-saccharide, beta linking beta-D-glucopyranose 'C6 H12 O6'
#
# COMPACT_ATOMS: atom_id res chain seq x y z
N MET A 1 -6.80 6.43 22.52
CA MET A 1 -6.25 7.09 21.31
C MET A 1 -5.69 6.03 20.37
N VAL A 2 -6.13 6.08 19.11
CA VAL A 2 -5.70 5.15 18.08
C VAL A 2 -4.87 6.01 17.13
N SER A 3 -3.73 5.50 16.68
CA SER A 3 -2.89 6.26 15.76
C SER A 3 -2.56 5.47 14.50
N PHE A 4 -2.26 6.19 13.42
CA PHE A 4 -1.94 5.57 12.14
C PHE A 4 -0.57 5.98 11.58
N LYS A 5 0.47 5.89 12.41
CA LYS A 5 1.84 6.26 12.05
C LYS A 5 2.84 5.14 11.71
N ALA A 6 2.87 4.09 12.52
CA ALA A 6 3.79 2.97 12.30
C ALA A 6 3.01 1.67 12.14
N GLY A 7 2.69 1.33 10.89
CA GLY A 7 1.93 0.12 10.65
C GLY A 7 2.63 -0.89 9.78
N ILE A 8 1.89 -1.92 9.42
CA ILE A 8 2.41 -3.00 8.60
C ILE A 8 1.24 -3.54 7.78
N ASN A 9 1.53 -3.99 6.57
CA ASN A 9 0.53 -4.52 5.67
C ASN A 9 0.19 -5.98 5.92
N LEU A 10 -1.03 -6.36 5.58
CA LEU A 10 -1.50 -7.75 5.71
C LEU A 10 -1.85 -8.22 4.32
N GLY A 11 -0.88 -8.14 3.41
CA GLY A 11 -1.08 -8.55 2.03
C GLY A 11 -1.02 -10.06 1.88
N GLY A 12 -1.76 -10.59 0.93
CA GLY A 12 -1.79 -12.03 0.71
C GLY A 12 -2.91 -12.77 1.43
N TRP A 13 -3.64 -12.06 2.30
CA TRP A 13 -4.73 -12.67 3.04
C TRP A 13 -6.03 -12.66 2.23
N ILE A 14 -6.73 -11.53 2.19
CA ILE A 14 -7.96 -11.45 1.40
C ILE A 14 -7.73 -10.60 0.16
N SER A 15 -6.44 -10.43 -0.17
CA SER A 15 -6.01 -9.73 -1.36
C SER A 15 -4.81 -10.51 -1.83
N GLN A 16 -4.66 -10.62 -3.14
CA GLN A 16 -3.55 -11.35 -3.76
C GLN A 16 -3.41 -12.77 -3.20
N TYR A 17 -4.53 -13.36 -2.80
CA TYR A 17 -4.53 -14.71 -2.24
C TYR A 17 -4.20 -15.70 -3.35
N GLN A 18 -3.44 -16.74 -2.98
CA GLN A 18 -3.01 -17.78 -3.92
C GLN A 18 -4.23 -18.43 -4.61
N VAL A 19 -5.10 -19.01 -3.79
CA VAL A 19 -6.31 -19.66 -4.26
C VAL A 19 -7.42 -19.18 -3.34
N PHE A 20 -8.60 -18.94 -3.91
CA PHE A 20 -9.73 -18.51 -3.11
C PHE A 20 -10.20 -19.73 -2.30
N SER A 21 -9.82 -19.80 -1.04
CA SER A 21 -10.22 -20.93 -0.21
C SER A 21 -10.41 -20.56 1.26
N LYS A 22 -11.45 -21.12 1.87
CA LYS A 22 -11.74 -20.87 3.28
C LYS A 22 -10.57 -21.20 4.17
N GLU A 23 -9.95 -22.35 3.93
CA GLU A 23 -8.80 -22.79 4.71
C GLU A 23 -7.77 -21.68 4.76
N HIS A 24 -7.48 -21.11 3.60
CA HIS A 24 -6.52 -20.02 3.49
C HIS A 24 -6.99 -18.81 4.31
N PHE A 25 -8.20 -18.36 4.03
CA PHE A 25 -8.79 -17.22 4.69
C PHE A 25 -8.89 -17.35 6.21
N ASP A 26 -9.14 -18.57 6.69
CA ASP A 26 -9.26 -18.79 8.13
C ASP A 26 -7.95 -18.96 8.87
N THR A 27 -6.89 -19.34 8.16
CA THR A 27 -5.60 -19.59 8.80
C THR A 27 -4.43 -18.63 8.53
N PHE A 28 -4.44 -17.93 7.39
CA PHE A 28 -3.34 -17.01 7.05
C PHE A 28 -3.17 -15.92 8.10
N ILE A 29 -4.28 -15.31 8.51
CA ILE A 29 -4.22 -14.29 9.54
C ILE A 29 -5.27 -14.63 10.59
N THR A 30 -4.79 -14.84 11.81
CA THR A 30 -5.63 -15.16 12.96
C THR A 30 -5.31 -14.10 14.01
N GLU A 31 -6.01 -14.12 15.15
CA GLU A 31 -5.79 -13.13 16.20
C GLU A 31 -4.36 -13.11 16.73
N LYS A 32 -3.70 -14.25 16.68
CA LYS A 32 -2.33 -14.40 17.17
C LYS A 32 -1.38 -13.47 16.42
N ASP A 33 -1.68 -13.21 15.14
CA ASP A 33 -0.87 -12.33 14.31
C ASP A 33 -1.04 -10.87 14.77
N ILE A 34 -2.29 -10.45 14.91
CA ILE A 34 -2.60 -9.09 15.34
C ILE A 34 -2.00 -8.83 16.72
N GLU A 35 -1.98 -9.88 17.54
CA GLU A 35 -1.39 -9.74 18.86
C GLU A 35 0.11 -9.53 18.73
N THR A 36 0.76 -10.33 17.87
CA THR A 36 2.20 -10.24 17.62
C THR A 36 2.55 -8.82 17.18
N ILE A 37 1.81 -8.34 16.19
CA ILE A 37 1.98 -7.00 15.63
C ILE A 37 1.82 -5.95 16.73
N ALA A 38 0.83 -6.16 17.60
CA ALA A 38 0.54 -5.25 18.69
C ALA A 38 1.65 -5.23 19.72
N GLU A 39 2.16 -6.41 20.07
CA GLU A 39 3.24 -6.53 21.04
C GLU A 39 4.49 -5.86 20.49
N ALA A 40 4.66 -5.92 19.17
CA ALA A 40 5.82 -5.34 18.49
C ALA A 40 5.87 -3.80 18.54
N GLY A 41 4.73 -3.17 18.81
CA GLY A 41 4.69 -1.72 18.88
C GLY A 41 4.06 -0.99 17.72
N PHE A 42 3.58 -1.72 16.71
CA PHE A 42 2.93 -1.06 15.59
C PHE A 42 1.60 -0.50 16.12
N ASP A 43 1.10 0.59 15.55
CA ASP A 43 -0.16 1.17 16.02
C ASP A 43 -1.36 0.90 15.13
N HIS A 44 -1.13 0.23 14.00
CA HIS A 44 -2.19 -0.06 13.06
C HIS A 44 -1.75 -1.07 12.00
N VAL A 45 -2.72 -1.58 11.25
CA VAL A 45 -2.46 -2.53 10.18
C VAL A 45 -3.20 -2.03 8.95
N ARG A 46 -2.67 -2.36 7.77
CA ARG A 46 -3.30 -1.96 6.53
C ARG A 46 -3.78 -3.28 5.98
N LEU A 47 -5.05 -3.31 5.61
CA LEU A 47 -5.67 -4.53 5.13
C LEU A 47 -6.18 -4.33 3.73
N PRO A 48 -5.40 -4.77 2.72
CA PRO A 48 -5.89 -4.80 1.35
C PRO A 48 -6.86 -5.94 1.11
N PHE A 49 -7.91 -5.67 0.35
CA PHE A 49 -8.86 -6.70 0.02
C PHE A 49 -9.19 -6.57 -1.45
N ASP A 50 -9.41 -7.69 -2.11
CA ASP A 50 -9.82 -7.69 -3.51
C ASP A 50 -11.32 -7.85 -3.53
N TYR A 51 -12.00 -7.07 -4.36
CA TYR A 51 -13.46 -7.13 -4.42
C TYR A 51 -14.13 -8.52 -4.39
N PRO A 52 -13.57 -9.57 -5.07
CA PRO A 52 -14.35 -10.82 -5.21
C PRO A 52 -14.69 -11.51 -3.90
N ILE A 53 -13.96 -11.21 -2.83
CA ILE A 53 -14.27 -11.83 -1.54
C ILE A 53 -15.56 -11.20 -0.98
N ILE A 54 -15.91 -10.04 -1.52
CA ILE A 54 -17.10 -9.29 -1.11
C ILE A 54 -18.24 -9.34 -2.14
N GLU A 55 -17.92 -9.26 -3.42
CA GLU A 55 -18.96 -9.29 -4.46
C GLU A 55 -18.56 -10.11 -5.69
N SER A 56 -19.51 -10.88 -6.22
CA SER A 56 -19.23 -11.67 -7.41
C SER A 56 -19.76 -10.93 -8.64
N ASP A 57 -19.04 -11.05 -9.74
CA ASP A 57 -19.44 -10.36 -10.97
C ASP A 57 -20.82 -10.71 -11.52
N ASP A 58 -21.37 -11.84 -11.11
CA ASP A 58 -22.69 -12.30 -11.56
C ASP A 58 -23.80 -11.50 -10.87
N ASN A 59 -24.08 -11.87 -9.62
CA ASN A 59 -25.11 -11.21 -8.83
C ASN A 59 -24.53 -9.95 -8.19
N VAL A 60 -24.15 -9.03 -9.05
CA VAL A 60 -23.59 -7.76 -8.62
C VAL A 60 -24.57 -7.07 -7.68
N GLY A 61 -24.13 -6.76 -6.47
CA GLY A 61 -25.00 -6.10 -5.52
C GLY A 61 -25.26 -6.90 -4.27
N GLU A 62 -25.08 -8.22 -4.35
CA GLU A 62 -25.30 -9.07 -3.19
C GLU A 62 -23.96 -9.23 -2.55
N TYR A 63 -23.79 -8.65 -1.36
CA TYR A 63 -22.53 -8.72 -0.66
C TYR A 63 -22.40 -9.96 0.22
N LYS A 64 -21.33 -10.70 -0.02
CA LYS A 64 -21.04 -11.93 0.69
C LYS A 64 -20.68 -11.72 2.15
N GLU A 65 -21.55 -12.17 3.03
CA GLU A 65 -21.33 -12.06 4.46
C GLU A 65 -20.17 -12.93 4.88
N ASP A 66 -19.86 -13.94 4.07
CA ASP A 66 -18.75 -14.83 4.37
C ASP A 66 -17.41 -14.12 4.14
N GLY A 67 -17.38 -13.19 3.19
CA GLY A 67 -16.16 -12.43 2.92
C GLY A 67 -16.02 -11.31 3.92
N LEU A 68 -17.13 -10.64 4.19
CA LEU A 68 -17.16 -9.53 5.12
C LEU A 68 -16.75 -9.96 6.53
N SER A 69 -17.04 -11.21 6.89
CA SER A 69 -16.70 -11.71 8.22
C SER A 69 -15.21 -11.58 8.55
N TYR A 70 -14.36 -11.68 7.53
CA TYR A 70 -12.91 -11.56 7.72
C TYR A 70 -12.52 -10.13 8.08
N ILE A 71 -13.15 -9.17 7.42
CA ILE A 71 -12.89 -7.77 7.71
C ILE A 71 -13.43 -7.49 9.11
N ASP A 72 -14.63 -7.98 9.41
CA ASP A 72 -15.23 -7.75 10.73
C ASP A 72 -14.34 -8.27 11.83
N ARG A 73 -13.96 -9.54 11.74
CA ARG A 73 -13.11 -10.11 12.77
C ARG A 73 -11.79 -9.36 12.91
N CYS A 74 -11.19 -8.94 11.80
CA CYS A 74 -9.93 -8.20 11.88
C CYS A 74 -10.16 -6.90 12.63
N LEU A 75 -11.31 -6.28 12.40
CA LEU A 75 -11.62 -5.05 13.11
C LEU A 75 -11.72 -5.33 14.60
N GLU A 76 -12.31 -6.47 14.96
CA GLU A 76 -12.44 -6.88 16.36
C GLU A 76 -11.07 -7.09 17.00
N TRP A 77 -10.22 -7.87 16.31
CA TRP A 77 -8.87 -8.13 16.81
C TRP A 77 -8.15 -6.81 17.04
N CYS A 78 -8.27 -5.87 16.09
CA CYS A 78 -7.62 -4.57 16.22
C CYS A 78 -8.18 -3.79 17.39
N LYS A 79 -9.50 -3.73 17.50
CA LYS A 79 -10.12 -3.02 18.60
C LYS A 79 -9.63 -3.59 19.93
N LYS A 80 -9.48 -4.91 20.00
CA LYS A 80 -9.01 -5.57 21.20
C LYS A 80 -7.56 -5.23 21.56
N TYR A 81 -6.73 -5.00 20.55
CA TYR A 81 -5.32 -4.66 20.81
C TYR A 81 -5.00 -3.18 20.64
N ASN A 82 -6.04 -2.38 20.44
CA ASN A 82 -5.94 -0.92 20.27
C ASN A 82 -5.13 -0.50 19.06
N LEU A 83 -5.36 -1.19 17.96
CA LEU A 83 -4.69 -0.92 16.71
C LEU A 83 -5.72 -0.30 15.76
N GLY A 84 -5.22 0.51 14.83
CA GLY A 84 -6.07 1.12 13.83
C GLY A 84 -6.10 0.15 12.66
N LEU A 85 -7.00 0.35 11.72
CA LEU A 85 -7.10 -0.50 10.57
C LEU A 85 -7.41 0.36 9.37
N VAL A 86 -6.59 0.27 8.34
CA VAL A 86 -6.83 1.02 7.12
C VAL A 86 -7.33 -0.02 6.14
N LEU A 87 -8.62 0.02 5.83
CA LEU A 87 -9.24 -0.93 4.90
C LEU A 87 -8.93 -0.41 3.51
N ASP A 88 -8.27 -1.23 2.71
CA ASP A 88 -7.85 -0.79 1.41
C ASP A 88 -8.34 -1.65 0.27
N MET A 89 -9.09 -1.08 -0.68
CA MET A 89 -9.53 -1.87 -1.83
C MET A 89 -8.31 -1.96 -2.77
N HIS A 90 -7.79 -3.17 -2.95
CA HIS A 90 -6.60 -3.37 -3.77
C HIS A 90 -6.98 -3.65 -5.21
N HIS A 91 -8.08 -4.35 -5.38
CA HIS A 91 -8.55 -4.74 -6.69
C HIS A 91 -10.04 -4.36 -6.81
N ALA A 92 -10.31 -3.33 -7.60
CA ALA A 92 -11.67 -2.82 -7.82
C ALA A 92 -12.35 -3.63 -8.93
N PRO A 93 -13.67 -3.44 -9.08
CA PRO A 93 -14.39 -3.96 -10.25
C PRO A 93 -13.82 -3.44 -11.57
N GLY A 94 -13.40 -4.37 -12.42
CA GLY A 94 -12.86 -4.01 -13.71
C GLY A 94 -11.44 -3.49 -13.64
N TYR A 95 -11.00 -3.07 -12.45
CA TYR A 95 -9.66 -2.54 -12.26
C TYR A 95 -8.84 -3.48 -11.38
N THR A 102 -5.79 -4.12 -19.18
CA THR A 102 -7.23 -4.43 -19.42
C THR A 102 -8.09 -4.11 -18.18
N SER A 103 -8.10 -2.83 -17.80
CA SER A 103 -8.90 -2.39 -16.67
C SER A 103 -10.05 -1.57 -17.24
N THR A 104 -11.25 -2.12 -17.15
CA THR A 104 -12.45 -1.49 -17.68
C THR A 104 -13.13 -0.49 -16.74
N LEU A 105 -12.66 -0.42 -15.50
CA LEU A 105 -13.25 0.47 -14.51
C LEU A 105 -13.52 1.90 -14.97
N PHE A 106 -12.55 2.52 -15.64
CA PHE A 106 -12.71 3.89 -16.08
C PHE A 106 -13.41 4.03 -17.42
N GLU A 107 -13.74 2.90 -18.02
CA GLU A 107 -14.39 2.85 -19.32
C GLU A 107 -15.87 2.50 -19.14
N ASP A 108 -16.12 1.54 -18.25
CA ASP A 108 -17.45 1.02 -17.98
C ASP A 108 -18.13 1.62 -16.74
N PRO A 109 -19.16 2.47 -16.95
CA PRO A 109 -19.88 3.10 -15.86
C PRO A 109 -20.49 2.11 -14.87
N ASN A 110 -20.71 0.88 -15.33
CA ASN A 110 -21.28 -0.19 -14.51
C ASN A 110 -20.27 -0.61 -13.46
N GLN A 111 -19.00 -0.65 -13.86
CA GLN A 111 -17.90 -1.02 -12.97
C GLN A 111 -17.76 0.10 -11.97
N GLN A 112 -18.00 1.32 -12.45
CA GLN A 112 -17.91 2.51 -11.62
C GLN A 112 -19.01 2.53 -10.57
N LYS A 113 -20.21 2.13 -10.98
CA LYS A 113 -21.38 2.07 -10.12
C LYS A 113 -21.13 1.04 -9.02
N ARG A 114 -20.65 -0.14 -9.39
CA ARG A 114 -20.35 -1.20 -8.41
C ARG A 114 -19.29 -0.75 -7.41
N PHE A 115 -18.28 -0.03 -7.90
CA PHE A 115 -17.20 0.47 -7.07
C PHE A 115 -17.77 1.37 -5.97
N VAL A 116 -18.54 2.37 -6.37
CA VAL A 116 -19.13 3.29 -5.42
C VAL A 116 -20.10 2.60 -4.47
N ASP A 117 -20.83 1.62 -4.96
CA ASP A 117 -21.79 0.91 -4.13
C ASP A 117 -21.12 0.09 -3.05
N ILE A 118 -19.98 -0.51 -3.38
CA ILE A 118 -19.27 -1.30 -2.39
C ILE A 118 -18.78 -0.38 -1.27
N TRP A 119 -18.34 0.83 -1.63
CA TRP A 119 -17.90 1.77 -0.58
C TRP A 119 -19.07 2.33 0.24
N ARG A 120 -20.22 2.53 -0.42
CA ARG A 120 -21.42 3.01 0.26
C ARG A 120 -21.84 1.94 1.27
N PHE A 121 -21.77 0.69 0.85
CA PHE A 121 -22.14 -0.41 1.73
C PHE A 121 -21.22 -0.48 2.94
N LEU A 122 -19.91 -0.41 2.72
CA LEU A 122 -18.95 -0.50 3.82
C LEU A 122 -19.06 0.66 4.79
N ALA A 123 -19.31 1.86 4.26
CA ALA A 123 -19.45 3.03 5.09
C ALA A 123 -20.62 2.81 6.06
N LYS A 124 -21.73 2.27 5.55
CA LYS A 124 -22.89 2.02 6.37
C LYS A 124 -22.58 0.92 7.38
N ARG A 125 -22.00 -0.16 6.89
CA ARG A 125 -21.68 -1.28 7.75
C ARG A 125 -20.81 -0.96 8.97
N TYR A 126 -19.89 -0.01 8.82
CA TYR A 126 -19.01 0.32 9.94
C TYR A 126 -19.28 1.69 10.56
N ILE A 127 -20.47 2.23 10.30
CA ILE A 127 -20.90 3.55 10.79
C ILE A 127 -20.73 3.83 12.29
N ASN A 128 -20.73 2.80 13.12
CA ASN A 128 -20.55 3.01 14.57
C ASN A 128 -19.10 2.95 15.03
N GLU A 129 -18.20 2.50 14.15
CA GLU A 129 -16.79 2.41 14.47
C GLU A 129 -16.15 3.73 14.06
N ARG A 130 -15.86 4.57 15.04
CA ARG A 130 -15.31 5.89 14.82
C ARG A 130 -13.81 6.09 15.02
N GLU A 131 -13.13 5.18 15.70
CA GLU A 131 -11.70 5.37 15.96
C GLU A 131 -10.69 4.43 15.34
N HIS A 132 -11.12 3.19 15.09
CA HIS A 132 -10.23 2.15 14.63
C HIS A 132 -10.18 1.84 13.16
N ILE A 133 -10.99 2.49 12.34
CA ILE A 133 -10.97 2.15 10.93
C ILE A 133 -10.94 3.37 10.02
N ALA A 134 -10.22 3.22 8.90
CA ALA A 134 -10.11 4.28 7.90
C ALA A 134 -10.28 3.57 6.58
N PHE A 135 -10.70 4.30 5.55
CA PHE A 135 -10.91 3.69 4.25
C PHE A 135 -9.90 4.21 3.23
N GLU A 136 -9.35 3.31 2.42
CA GLU A 136 -8.42 3.67 1.35
C GLU A 136 -9.16 3.20 0.13
N LEU A 137 -9.69 4.17 -0.63
CA LEU A 137 -10.52 3.91 -1.81
C LEU A 137 -10.03 2.98 -2.91
N LEU A 138 -8.89 3.33 -3.50
CA LEU A 138 -8.34 2.51 -4.58
C LEU A 138 -6.82 2.52 -4.53
N ASN A 139 -6.29 1.32 -4.42
CA ASN A 139 -4.86 1.08 -4.33
C ASN A 139 -4.27 1.09 -5.72
N GLN A 140 -3.42 2.08 -5.98
CA GLN A 140 -2.74 2.22 -7.26
C GLN A 140 -3.58 2.26 -8.53
N VAL A 141 -3.56 3.42 -9.18
CA VAL A 141 -4.28 3.67 -10.43
C VAL A 141 -3.16 3.80 -11.48
N VAL A 142 -3.44 3.41 -12.71
CA VAL A 142 -2.45 3.53 -13.77
C VAL A 142 -3.19 4.04 -15.00
N GLU A 143 -3.17 5.35 -15.17
CA GLU A 143 -3.89 6.00 -16.26
C GLU A 143 -2.98 6.95 -17.03
N PRO A 144 -3.31 7.27 -18.30
CA PRO A 144 -2.64 8.32 -19.07
C PRO A 144 -2.57 9.60 -18.27
N ASP A 145 -3.68 9.94 -17.61
CA ASP A 145 -3.74 11.13 -16.77
C ASP A 145 -4.74 10.92 -15.64
N SER A 146 -4.83 11.86 -14.71
CA SER A 146 -5.74 11.75 -13.58
C SER A 146 -7.18 12.17 -13.81
N THR A 147 -7.53 12.59 -15.03
CA THR A 147 -8.90 13.06 -15.30
C THR A 147 -10.04 12.12 -14.96
N ARG A 148 -9.92 10.85 -15.30
CA ARG A 148 -10.99 9.91 -15.04
C ARG A 148 -11.04 9.41 -13.61
N TRP A 149 -9.88 9.19 -13.01
CA TRP A 149 -9.82 8.75 -11.62
C TRP A 149 -10.40 9.87 -10.76
N ASN A 150 -10.02 11.11 -11.05
CA ASN A 150 -10.51 12.27 -10.29
C ASN A 150 -12.03 12.31 -10.30
N LYS A 151 -12.60 11.95 -11.44
CA LYS A 151 -14.04 11.98 -11.58
C LYS A 151 -14.65 10.87 -10.71
N LEU A 152 -14.08 9.68 -10.79
CA LEU A 152 -14.58 8.57 -10.01
C LEU A 152 -14.40 8.80 -8.53
N MET A 153 -13.26 9.39 -8.17
CA MET A 153 -12.90 9.65 -6.78
C MET A 153 -13.84 10.65 -6.13
N LEU A 154 -14.13 11.73 -6.85
CA LEU A 154 -15.04 12.76 -6.33
C LEU A 154 -16.45 12.20 -6.10
N GLU A 155 -16.91 11.34 -7.00
CA GLU A 155 -18.23 10.70 -6.86
C GLU A 155 -18.22 9.76 -5.64
N CYS A 156 -17.11 9.05 -5.45
CA CYS A 156 -16.99 8.12 -4.33
C CYS A 156 -16.95 8.84 -2.99
N ILE A 157 -16.22 9.94 -2.93
CA ILE A 157 -16.12 10.74 -1.70
C ILE A 157 -17.52 11.27 -1.37
N LYS A 158 -18.18 11.84 -2.37
CA LYS A 158 -19.53 12.40 -2.25
C LYS A 158 -20.47 11.35 -1.69
N ALA A 159 -20.45 10.16 -2.29
CA ALA A 159 -21.31 9.06 -1.88
C ALA A 159 -21.09 8.67 -0.44
N ILE A 160 -19.83 8.61 -0.01
CA ILE A 160 -19.49 8.23 1.37
C ILE A 160 -19.89 9.32 2.36
N ARG A 161 -19.73 10.57 1.98
CA ARG A 161 -20.06 11.71 2.84
C ARG A 161 -21.56 11.80 3.15
N GLU A 162 -22.41 11.26 2.28
CA GLU A 162 -23.85 11.27 2.51
C GLU A 162 -24.19 10.42 3.73
N ILE A 163 -23.46 9.32 3.89
CA ILE A 163 -23.64 8.38 4.98
C ILE A 163 -22.80 8.70 6.22
N ASP A 164 -21.52 9.04 6.02
CA ASP A 164 -20.56 9.30 7.10
C ASP A 164 -19.71 10.53 6.78
N SER A 165 -19.99 11.64 7.46
CA SER A 165 -19.29 12.89 7.23
C SER A 165 -17.89 13.02 7.84
N THR A 166 -17.53 12.13 8.76
CA THR A 166 -16.22 12.24 9.39
C THR A 166 -15.30 11.04 9.21
N MET A 167 -15.69 10.09 8.37
CA MET A 167 -14.84 8.93 8.13
C MET A 167 -13.54 9.39 7.45
N TRP A 168 -12.39 8.97 7.96
CA TRP A 168 -11.11 9.33 7.34
C TRP A 168 -10.96 8.52 6.06
N LEU A 169 -10.68 9.21 4.98
CA LEU A 169 -10.53 8.58 3.67
C LEU A 169 -9.09 8.79 3.20
N TYR A 170 -8.48 7.73 2.70
CA TYR A 170 -7.10 7.74 2.23
C TYR A 170 -7.15 7.73 0.71
N ILE A 171 -6.66 8.80 0.12
CA ILE A 171 -6.71 8.97 -1.33
C ILE A 171 -5.32 9.04 -1.95
N GLY A 172 -5.11 8.19 -2.94
CA GLY A 172 -3.84 8.14 -3.63
C GLY A 172 -3.98 8.61 -5.06
N GLY A 173 -2.84 8.89 -5.69
CA GLY A 173 -2.84 9.37 -7.06
C GLY A 173 -2.57 8.33 -8.14
N ASN A 174 -2.40 8.86 -9.35
CA ASN A 174 -2.14 8.09 -10.56
C ASN A 174 -0.77 7.40 -10.56
N ASN A 175 -0.62 6.42 -11.42
CA ASN A 175 0.64 5.68 -11.55
C ASN A 175 1.14 5.05 -10.26
N TYR A 176 0.32 4.18 -9.68
CA TYR A 176 0.62 3.45 -8.44
C TYR A 176 0.78 4.31 -7.19
N ASN A 177 -0.02 5.36 -7.08
CA ASN A 177 0.07 6.25 -5.92
C ASN A 177 1.48 6.79 -5.83
N SER A 178 1.94 7.37 -6.93
CA SER A 178 3.27 7.96 -7.00
C SER A 178 3.27 9.27 -6.24
N PRO A 179 4.36 9.57 -5.52
CA PRO A 179 4.40 10.81 -4.77
C PRO A 179 4.31 12.08 -5.61
N ASP A 180 4.66 11.99 -6.88
CA ASP A 180 4.56 13.18 -7.71
C ASP A 180 3.25 13.30 -8.48
N GLU A 181 2.34 12.37 -8.27
CA GLU A 181 1.04 12.43 -8.93
C GLU A 181 0.01 13.02 -8.01
N LEU A 182 0.41 13.29 -6.77
CA LEU A 182 -0.50 13.86 -5.80
C LEU A 182 -0.98 15.22 -6.30
N LYS A 183 -0.07 15.95 -6.92
CA LYS A 183 -0.35 17.27 -7.47
C LYS A 183 -1.40 17.26 -8.57
N ASN A 184 -1.66 16.08 -9.15
CA ASN A 184 -2.65 15.95 -10.22
C ASN A 184 -4.07 15.52 -9.76
N LEU A 185 -4.28 15.37 -8.45
CA LEU A 185 -5.58 15.00 -7.90
C LEU A 185 -6.48 16.24 -7.82
N ALA A 186 -7.79 16.04 -7.92
CA ALA A 186 -8.77 17.13 -7.84
C ALA A 186 -8.79 17.66 -6.43
N ASP A 187 -9.10 18.95 -6.29
CA ASP A 187 -9.16 19.56 -4.99
C ASP A 187 -10.36 19.07 -4.23
N ILE A 188 -10.10 18.34 -3.17
CA ILE A 188 -11.17 17.81 -2.33
C ILE A 188 -11.28 18.76 -1.16
N ASP A 189 -12.38 19.49 -1.07
CA ASP A 189 -12.55 20.38 0.07
C ASP A 189 -13.17 19.50 1.13
N ASP A 190 -12.32 18.91 1.97
CA ASP A 190 -12.78 18.00 3.00
C ASP A 190 -11.66 17.93 4.04
N ASP A 191 -12.05 17.92 5.31
CA ASP A 191 -11.12 17.87 6.43
C ASP A 191 -10.73 16.47 6.89
N TYR A 192 -11.35 15.45 6.31
CA TYR A 192 -11.05 14.09 6.72
C TYR A 192 -10.47 13.28 5.58
N ILE A 193 -9.39 13.81 5.01
CA ILE A 193 -8.67 13.20 3.88
C ILE A 193 -7.18 13.11 4.22
N VAL A 194 -6.58 11.97 3.91
CA VAL A 194 -5.15 11.75 4.12
C VAL A 194 -4.65 11.38 2.74
N TYR A 195 -3.55 11.99 2.30
CA TYR A 195 -3.02 11.69 0.98
C TYR A 195 -1.98 10.59 1.07
N ASN A 196 -2.18 9.58 0.23
CA ASN A 196 -1.35 8.38 0.18
C ASN A 196 -0.37 8.29 -0.98
N PHE A 197 0.80 7.73 -0.72
CA PHE A 197 1.78 7.51 -1.79
C PHE A 197 2.60 6.28 -1.42
N HIS A 198 2.99 5.49 -2.41
CA HIS A 198 3.81 4.31 -2.20
C HIS A 198 5.28 4.65 -2.49
N PHE A 199 6.20 3.96 -1.84
CA PHE A 199 7.61 4.28 -2.04
C PHE A 199 8.52 3.04 -2.08
N TYR A 200 9.04 2.76 -3.27
CA TYR A 200 9.91 1.61 -3.51
C TYR A 200 11.22 2.02 -4.24
N ASN A 201 11.67 3.25 -4.05
CA ASN A 201 12.90 3.77 -4.68
C ASN A 201 14.12 3.35 -3.87
N PRO A 202 15.23 2.95 -4.54
CA PRO A 202 15.44 2.66 -5.97
C PRO A 202 14.83 1.32 -6.35
N PHE A 203 14.04 1.32 -7.42
CA PHE A 203 13.36 0.11 -7.86
C PHE A 203 14.22 -1.12 -8.06
N PHE A 204 15.42 -0.96 -8.59
CA PHE A 204 16.27 -2.12 -8.83
C PHE A 204 16.97 -2.62 -7.62
N PHE A 205 16.84 -1.87 -6.53
CA PHE A 205 17.35 -2.32 -5.25
C PHE A 205 16.16 -2.98 -4.52
N THR A 206 15.05 -2.25 -4.32
CA THR A 206 13.88 -2.81 -3.61
C THR A 206 13.26 -4.03 -4.29
N HIS A 207 13.40 -4.11 -5.62
CA HIS A 207 12.85 -5.22 -6.39
C HIS A 207 13.89 -6.04 -7.14
N GLN A 208 15.11 -6.08 -6.62
CA GLN A 208 16.15 -6.85 -7.28
C GLN A 208 15.71 -8.29 -7.43
N LYS A 209 15.81 -8.80 -8.65
CA LYS A 209 15.44 -10.17 -8.95
C LYS A 209 13.96 -10.51 -8.72
N ALA A 210 13.10 -9.50 -8.70
CA ALA A 210 11.67 -9.72 -8.51
C ALA A 210 11.17 -10.58 -9.66
N HIS A 211 10.74 -11.79 -9.32
CA HIS A 211 10.27 -12.76 -10.32
C HIS A 211 9.12 -12.26 -11.17
N TRP A 212 8.36 -11.30 -10.67
CA TRP A 212 7.23 -10.75 -11.40
C TRP A 212 7.58 -9.49 -12.18
N SER A 213 8.82 -9.03 -12.09
CA SER A 213 9.22 -7.83 -12.83
C SER A 213 10.15 -8.23 -13.97
N GLU A 214 9.65 -8.09 -15.19
CA GLU A 214 10.42 -8.46 -16.38
C GLU A 214 11.74 -7.73 -16.51
N SER A 215 11.74 -6.42 -16.33
CA SER A 215 12.98 -5.66 -16.41
C SER A 215 13.93 -6.06 -15.30
N ALA A 216 13.38 -6.30 -14.10
CA ALA A 216 14.17 -6.70 -12.94
C ALA A 216 14.70 -8.14 -13.04
N MET A 217 13.94 -8.99 -13.70
CA MET A 217 14.32 -10.37 -13.88
C MET A 217 15.37 -10.44 -14.98
N ALA A 218 15.19 -9.60 -16.00
CA ALA A 218 16.14 -9.53 -17.11
C ALA A 218 17.49 -9.02 -16.61
N TYR A 219 17.46 -7.95 -15.81
CA TYR A 219 18.66 -7.34 -15.23
C TYR A 219 19.35 -8.35 -14.33
N ASN A 220 18.54 -9.08 -13.55
CA ASN A 220 19.00 -10.14 -12.67
C ASN A 220 20.32 -9.80 -12.00
N ARG A 221 20.27 -8.77 -11.17
CA ARG A 221 21.48 -8.29 -10.52
C ARG A 221 21.25 -7.98 -9.04
N THR A 222 22.18 -8.42 -8.22
CA THR A 222 22.12 -8.16 -6.78
C THR A 222 22.58 -6.70 -6.67
N VAL A 223 22.03 -5.96 -5.72
CA VAL A 223 22.40 -4.56 -5.52
C VAL A 223 22.49 -4.34 -4.01
N LYS A 224 23.43 -3.49 -3.57
CA LYS A 224 23.59 -3.21 -2.16
C LYS A 224 23.12 -1.80 -1.89
N TYR A 225 22.96 -1.46 -0.63
CA TYR A 225 22.54 -0.11 -0.25
C TYR A 225 23.18 0.22 1.09
N PRO A 226 23.91 1.35 1.19
CA PRO A 226 24.20 2.29 0.10
C PRO A 226 25.05 1.61 -0.97
N GLY A 227 25.11 2.19 -2.17
CA GLY A 227 25.90 1.56 -3.20
C GLY A 227 25.59 2.22 -4.52
N GLN A 228 25.60 1.44 -5.58
CA GLN A 228 25.30 1.99 -6.87
C GLN A 228 24.98 0.83 -7.81
N TYR A 229 24.29 1.15 -8.89
CA TYR A 229 23.92 0.15 -9.88
C TYR A 229 25.15 -0.19 -10.71
N GLU A 230 25.38 -1.48 -10.95
CA GLU A 230 26.53 -1.90 -11.72
C GLU A 230 26.12 -2.60 -12.98
N GLY A 231 27.00 -2.54 -13.97
CA GLY A 231 26.77 -3.21 -15.23
C GLY A 231 25.57 -2.80 -16.04
N ILE A 232 25.02 -1.62 -15.78
CA ILE A 232 23.87 -1.15 -16.55
C ILE A 232 24.24 -1.03 -18.04
N GLU A 233 25.39 -0.42 -18.31
CA GLU A 233 25.88 -0.22 -19.68
C GLU A 233 26.06 -1.53 -20.43
N GLU A 234 26.61 -2.51 -19.73
CA GLU A 234 26.83 -3.82 -20.29
C GLU A 234 25.49 -4.53 -20.47
N PHE A 235 24.57 -4.30 -19.54
CA PHE A 235 23.25 -4.91 -19.63
C PHE A 235 22.47 -4.40 -20.84
N VAL A 236 22.44 -3.09 -21.02
CA VAL A 236 21.71 -2.49 -22.14
C VAL A 236 22.28 -2.93 -23.48
N LYS A 237 23.61 -3.05 -23.54
CA LYS A 237 24.31 -3.50 -24.75
C LYS A 237 23.69 -4.84 -25.18
N ASN A 238 23.55 -5.75 -24.22
CA ASN A 238 22.99 -7.07 -24.49
C ASN A 238 21.48 -7.05 -24.72
N ASN A 239 20.79 -6.18 -24.00
CA ASN A 239 19.34 -6.12 -24.10
C ASN A 239 18.85 -4.72 -24.45
N PRO A 240 18.92 -4.37 -25.74
CA PRO A 240 18.59 -3.01 -26.20
C PRO A 240 17.13 -2.61 -25.90
N LYS A 241 16.31 -3.59 -25.55
CA LYS A 241 14.91 -3.39 -25.18
C LYS A 241 14.79 -2.59 -23.90
N TYR A 242 15.79 -2.69 -23.03
CA TYR A 242 15.74 -1.96 -21.79
C TYR A 242 16.72 -0.83 -21.88
N SER A 243 16.78 -0.20 -23.05
CA SER A 243 17.67 0.92 -23.27
C SER A 243 17.37 2.08 -22.35
N PHE A 244 16.10 2.25 -21.98
CA PHE A 244 15.70 3.33 -21.05
C PHE A 244 16.43 3.26 -19.72
N MET A 245 16.95 2.08 -19.39
CA MET A 245 17.67 1.88 -18.14
C MET A 245 19.05 2.55 -18.15
N MET A 246 19.47 2.99 -19.33
CA MET A 246 20.75 3.65 -19.49
C MET A 246 20.87 4.88 -18.60
N GLU A 247 19.75 5.55 -18.33
CA GLU A 247 19.77 6.73 -17.48
C GLU A 247 20.05 6.41 -16.01
N LEU A 248 20.00 5.12 -15.67
CA LEU A 248 20.26 4.68 -14.30
C LEU A 248 21.71 4.25 -14.15
N ASN A 249 22.44 4.29 -15.27
CA ASN A 249 23.83 3.89 -15.30
C ASN A 249 24.66 4.55 -14.21
N ASN A 250 25.31 3.72 -13.39
CA ASN A 250 26.17 4.14 -12.28
C ASN A 250 25.50 4.99 -11.21
N LEU A 251 24.17 5.02 -11.19
CA LEU A 251 23.45 5.80 -10.20
C LEU A 251 23.87 5.36 -8.78
N LYS A 252 24.15 6.34 -7.93
CA LYS A 252 24.56 6.11 -6.56
C LYS A 252 23.32 6.06 -5.67
N LEU A 253 23.18 4.97 -4.93
CA LEU A 253 22.05 4.76 -4.05
C LEU A 253 22.45 5.15 -2.65
N ASN A 254 21.77 6.14 -2.09
CA ASN A 254 22.07 6.63 -0.78
C ASN A 254 20.86 7.41 -0.25
N LYS A 255 20.96 7.88 0.99
CA LYS A 255 19.87 8.62 1.64
C LYS A 255 19.41 9.88 0.95
N GLU A 256 20.36 10.60 0.36
CA GLU A 256 20.01 11.82 -0.34
C GLU A 256 19.24 11.48 -1.61
N LEU A 257 19.42 10.26 -2.11
CA LEU A 257 18.68 9.78 -3.27
C LEU A 257 17.23 9.61 -2.83
N LEU A 258 17.05 8.94 -1.69
CA LEU A 258 15.71 8.72 -1.14
C LEU A 258 15.01 10.05 -0.88
N ARG A 259 15.71 11.01 -0.27
CA ARG A 259 15.11 12.32 0.03
C ARG A 259 14.68 13.07 -1.22
N LYS A 260 15.41 12.89 -2.32
CA LYS A 260 15.07 13.54 -3.57
C LYS A 260 13.75 13.00 -4.12
N ASP A 261 13.55 11.68 -4.03
CA ASP A 261 12.34 11.03 -4.54
C ASP A 261 11.08 11.32 -3.70
N LEU A 262 11.30 11.68 -2.44
CA LEU A 262 10.23 11.99 -1.51
C LEU A 262 9.78 13.44 -1.65
N LYS A 263 10.66 14.28 -2.17
CA LYS A 263 10.42 15.71 -2.37
C LYS A 263 9.07 16.12 -2.97
N PRO A 264 8.63 15.44 -4.04
CA PRO A 264 7.33 15.77 -4.63
C PRO A 264 6.16 15.79 -3.62
N ALA A 265 6.17 14.84 -2.69
CA ALA A 265 5.15 14.71 -1.66
C ALA A 265 5.28 15.86 -0.66
N ILE A 266 6.51 16.14 -0.25
CA ILE A 266 6.79 17.21 0.70
C ILE A 266 6.30 18.55 0.14
N GLU A 267 6.56 18.79 -1.14
CA GLU A 267 6.15 20.03 -1.77
C GLU A 267 4.64 20.14 -1.86
N PHE A 268 3.99 19.04 -2.22
CA PHE A 268 2.53 19.01 -2.33
C PHE A 268 1.90 19.38 -0.99
N ARG A 269 2.48 18.88 0.09
CA ARG A 269 1.95 19.17 1.41
C ARG A 269 2.14 20.65 1.78
N GLU A 270 3.22 21.26 1.30
CA GLU A 270 3.47 22.68 1.58
C GLU A 270 2.26 23.49 1.19
N LYS A 271 1.79 23.23 -0.02
CA LYS A 271 0.65 23.92 -0.62
C LYS A 271 -0.72 23.54 -0.06
N LYS A 272 -0.97 22.24 0.07
CA LYS A 272 -2.25 21.75 0.60
C LYS A 272 -2.35 21.79 2.12
N LYS A 273 -1.22 21.80 2.80
CA LYS A 273 -1.18 21.81 4.27
C LYS A 273 -2.00 20.61 4.79
N CYS A 274 -1.85 19.48 4.10
CA CYS A 274 -2.59 18.26 4.41
C CYS A 274 -1.80 17.19 5.16
N LYS A 275 -2.41 16.02 5.39
CA LYS A 275 -1.76 14.91 6.06
C LYS A 275 -1.31 13.91 5.00
N LEU A 276 -0.09 13.40 5.14
CA LEU A 276 0.44 12.44 4.18
C LEU A 276 0.58 11.07 4.84
N TYR A 277 0.58 10.04 4.01
CA TYR A 277 0.70 8.67 4.47
C TYR A 277 1.36 7.86 3.36
N CYS A 278 2.26 6.96 3.73
CA CYS A 278 2.94 6.11 2.77
C CYS A 278 2.44 4.71 3.08
N GLY A 279 1.44 4.27 2.34
CA GLY A 279 0.82 2.99 2.59
C GLY A 279 1.60 1.75 2.27
N GLU A 280 2.66 1.89 1.49
CA GLU A 280 3.49 0.75 1.11
C GLU A 280 4.90 1.21 0.84
N PHE A 281 5.85 0.50 1.42
CA PHE A 281 7.27 0.75 1.19
C PHE A 281 7.97 -0.50 1.66
N GLY A 282 9.05 -0.90 1.00
CA GLY A 282 9.73 -2.10 1.44
C GLY A 282 10.84 -2.56 0.52
N VAL A 283 11.51 -3.63 0.94
CA VAL A 283 12.62 -4.22 0.20
C VAL A 283 12.40 -5.72 0.14
N ILE A 284 12.50 -6.26 -1.07
CA ILE A 284 12.31 -7.69 -1.32
C ILE A 284 13.17 -8.47 -0.32
N ALA A 285 12.62 -9.53 0.25
CA ALA A 285 13.34 -10.27 1.27
C ALA A 285 14.63 -10.96 0.86
N ILE A 286 14.87 -11.15 -0.44
CA ILE A 286 16.11 -11.79 -0.87
C ILE A 286 17.33 -10.87 -0.96
N ALA A 287 17.17 -9.59 -0.64
CA ALA A 287 18.27 -8.63 -0.66
C ALA A 287 19.12 -8.91 0.56
N ASP A 288 20.42 -8.63 0.50
CA ASP A 288 21.23 -8.91 1.67
C ASP A 288 20.70 -8.17 2.89
N LEU A 289 20.67 -8.86 4.02
CA LEU A 289 20.16 -8.32 5.27
C LEU A 289 20.62 -6.93 5.65
N GLU A 290 21.93 -6.71 5.62
CA GLU A 290 22.49 -5.41 5.98
C GLU A 290 21.91 -4.27 5.14
N SER A 291 21.82 -4.47 3.83
CA SER A 291 21.27 -3.48 2.90
C SER A 291 19.79 -3.25 3.22
N ARG A 292 19.06 -4.35 3.38
CA ARG A 292 17.65 -4.31 3.65
C ARG A 292 17.36 -3.48 4.91
N ILE A 293 18.13 -3.70 5.96
CA ILE A 293 17.94 -2.96 7.19
C ILE A 293 18.28 -1.49 7.01
N LYS A 294 19.38 -1.25 6.30
CA LYS A 294 19.87 0.11 6.05
C LYS A 294 18.86 0.95 5.26
N TRP A 295 18.21 0.35 4.27
CA TRP A 295 17.22 1.10 3.51
C TRP A 295 16.05 1.53 4.41
N HIS A 296 15.49 0.60 5.16
CA HIS A 296 14.35 0.87 6.04
C HIS A 296 14.70 1.93 7.09
N GLU A 297 15.89 1.83 7.63
CA GLU A 297 16.37 2.77 8.64
C GLU A 297 16.44 4.19 8.05
N ASP A 298 17.02 4.30 6.86
CA ASP A 298 17.16 5.57 6.17
C ASP A 298 15.80 6.14 5.80
N TYR A 299 14.92 5.29 5.28
CA TYR A 299 13.59 5.71 4.87
C TYR A 299 12.72 6.09 6.07
N ILE A 300 12.66 5.22 7.08
CA ILE A 300 11.89 5.50 8.29
C ILE A 300 12.37 6.82 8.87
N SER A 301 13.67 7.05 8.80
CA SER A 301 14.29 8.27 9.30
C SER A 301 13.69 9.50 8.63
N LEU A 302 13.50 9.45 7.31
CA LEU A 302 12.92 10.56 6.56
C LEU A 302 11.44 10.79 6.92
N LEU A 303 10.68 9.71 7.07
CA LEU A 303 9.25 9.79 7.42
C LEU A 303 9.11 10.40 8.79
N GLU A 304 10.03 10.06 9.69
CA GLU A 304 10.04 10.63 11.03
C GLU A 304 10.33 12.11 10.94
N GLU A 305 11.35 12.45 10.13
CA GLU A 305 11.76 13.83 9.94
C GLU A 305 10.65 14.73 9.42
N TYR A 306 9.88 14.23 8.46
CA TYR A 306 8.82 15.01 7.87
C TYR A 306 7.43 14.70 8.42
N ASP A 307 7.38 13.92 9.49
CA ASP A 307 6.14 13.54 10.14
C ASP A 307 5.10 12.92 9.21
N ILE A 308 5.49 11.81 8.58
CA ILE A 308 4.64 11.07 7.67
C ILE A 308 4.48 9.68 8.26
N GLY A 309 3.24 9.20 8.28
CA GLY A 309 2.96 7.88 8.81
C GLY A 309 2.97 6.90 7.66
N GLY A 310 3.02 5.61 7.95
CA GLY A 310 3.03 4.66 6.85
C GLY A 310 2.89 3.25 7.28
N ALA A 311 2.97 2.36 6.31
CA ALA A 311 2.85 0.94 6.56
C ALA A 311 3.79 0.18 5.66
N VAL A 312 4.67 -0.60 6.28
CA VAL A 312 5.64 -1.39 5.54
C VAL A 312 5.03 -2.66 4.90
N TRP A 313 5.48 -2.95 3.69
CA TRP A 313 5.09 -4.15 2.96
C TRP A 313 6.27 -5.15 3.24
N ASN A 314 6.02 -6.36 3.75
CA ASN A 314 4.71 -6.92 4.09
C ASN A 314 4.87 -7.74 5.37
N TYR A 315 3.78 -8.00 6.11
CA TYR A 315 3.84 -8.79 7.36
C TYR A 315 4.47 -10.17 7.14
N LYS A 316 3.85 -11.00 6.33
CA LYS A 316 4.40 -12.31 6.05
C LYS A 316 4.12 -12.70 4.61
N LYS A 317 5.04 -13.48 4.04
CA LYS A 317 4.94 -13.93 2.65
C LYS A 317 4.99 -12.75 1.70
N MET A 318 4.49 -12.91 0.47
CA MET A 318 4.51 -11.84 -0.53
C MET A 318 5.92 -11.33 -0.89
N ASP A 319 6.94 -12.17 -0.72
CA ASP A 319 8.35 -11.87 -1.04
C ASP A 319 9.01 -10.71 -0.33
N PHE A 320 8.26 -10.02 0.52
CA PHE A 320 8.74 -8.86 1.26
C PHE A 320 8.57 -9.05 2.76
N GLU A 321 8.52 -10.31 3.19
CA GLU A 321 8.29 -10.63 4.59
C GLU A 321 9.14 -9.96 5.65
N ILE A 322 8.46 -9.57 6.73
CA ILE A 322 9.11 -8.97 7.88
C ILE A 322 9.11 -10.03 8.97
N TYR A 323 8.13 -10.95 8.90
CA TYR A 323 8.01 -12.04 9.86
C TYR A 323 8.01 -13.39 9.15
N ASN A 324 8.52 -14.39 9.86
CA ASN A 324 8.56 -15.77 9.37
C ASN A 324 7.16 -16.26 9.58
N GLU A 325 6.84 -17.42 9.04
CA GLU A 325 5.50 -17.98 9.22
C GLU A 325 5.21 -18.38 10.67
N ASP A 326 6.25 -18.52 11.49
CA ASP A 326 6.07 -18.87 12.90
C ASP A 326 5.97 -17.63 13.81
N ARG A 327 5.62 -16.50 13.21
CA ARG A 327 5.45 -15.22 13.89
C ARG A 327 6.68 -14.64 14.56
N LYS A 328 7.85 -15.06 14.10
CA LYS A 328 9.12 -14.54 14.61
C LYS A 328 9.67 -13.60 13.56
N PRO A 329 10.15 -12.42 13.97
CA PRO A 329 10.67 -11.49 12.96
C PRO A 329 11.92 -12.02 12.29
N VAL A 330 12.10 -11.61 11.04
CA VAL A 330 13.28 -11.98 10.24
C VAL A 330 14.52 -11.34 10.90
N SER A 331 14.32 -10.13 11.43
CA SER A 331 15.36 -9.37 12.09
C SER A 331 14.65 -8.54 13.14
N GLN A 332 15.09 -8.65 14.39
CA GLN A 332 14.46 -7.89 15.45
C GLN A 332 14.81 -6.40 15.27
N GLU A 333 16.05 -6.09 14.89
CA GLU A 333 16.43 -4.69 14.71
C GLU A 333 15.54 -4.05 13.68
N LEU A 334 15.20 -4.81 12.64
CA LEU A 334 14.33 -4.33 11.58
C LEU A 334 12.95 -3.98 12.16
N VAL A 335 12.36 -4.87 12.95
CA VAL A 335 11.05 -4.61 13.54
C VAL A 335 11.11 -3.37 14.43
N ASN A 336 12.18 -3.21 15.18
CA ASN A 336 12.33 -2.06 16.06
C ASN A 336 12.32 -0.77 15.28
N ILE A 337 13.03 -0.75 14.17
CA ILE A 337 13.11 0.44 13.32
C ILE A 337 11.72 0.75 12.75
N LEU A 338 11.00 -0.30 12.35
CA LEU A 338 9.67 -0.17 11.74
C LEU A 338 8.50 0.21 12.66
N ALA A 339 8.62 -0.10 13.95
CA ALA A 339 7.57 0.22 14.95
C ALA A 339 7.73 1.64 15.48
N ARG A 340 8.80 2.30 15.05
CA ARG A 340 9.12 3.67 15.43
C ARG A 340 9.05 3.96 16.93
C2 BGC B . 1.84 -3.35 -5.03
C3 BGC B . 2.02 -4.51 -4.04
C4 BGC B . 3.21 -5.34 -4.62
C5 BGC B . 4.48 -4.48 -4.38
C6 BGC B . 5.83 -5.16 -4.47
C1 BGC B . 3.24 -2.55 -5.29
O1 BGC B . 3.24 -1.83 -6.53
O2 BGC B . 0.72 -2.60 -4.51
O3 BGC B . 0.79 -5.21 -3.92
O4 BGC B . 3.33 -6.64 -4.04
O5 BGC B . 4.42 -3.40 -5.35
O6 BGC B . 6.09 -5.44 -5.83
C2 BGC B . 4.13 -8.90 -4.08
C3 BGC B . 4.49 -10.07 -5.01
C4 BGC B . 3.36 -10.28 -6.13
C5 BGC B . 3.24 -8.95 -6.95
C6 BGC B . 2.26 -8.97 -8.12
C1 BGC B . 3.82 -7.68 -4.93
O2 BGC B . 5.20 -8.59 -3.22
O3 BGC B . 4.65 -11.25 -4.25
O4 BGC B . 3.58 -11.39 -7.01
O5 BGC B . 2.87 -7.92 -6.00
O6 BGC B . 1.00 -9.50 -7.71
#